data_5Z1V
#
_entry.id   5Z1V
#
_cell.length_a   28.542
_cell.length_b   65.840
_cell.length_c   55.634
_cell.angle_alpha   90.00
_cell.angle_beta   93.48
_cell.angle_gamma   90.00
#
_symmetry.space_group_name_H-M   'P 1 21 1'
#
loop_
_entity.id
_entity.type
_entity.pdbx_description
1 polymer 'AvrPib protein'
2 water water
#
_entity_poly.entity_id   1
_entity_poly.type   'polypeptide(L)'
_entity_poly.pdbx_seq_one_letter_code
;(MSE)SHHHHHHS(MSE)A(MSE)TQVTILKKGERITWVEVPKGESREFNIRGKYFTVSVSDDGTPSISGSKYTVE
;
_entity_poly.pdbx_strand_id   A,B,C,D
#
# COMPACT_ATOMS: atom_id res chain seq x y z
N HIS A 7 -31.34 -9.10 -24.38
CA HIS A 7 -30.90 -9.81 -23.18
C HIS A 7 -29.40 -9.69 -23.09
N HIS A 8 -28.95 -8.64 -22.38
CA HIS A 8 -27.53 -8.36 -22.26
C HIS A 8 -26.78 -9.53 -21.65
N SER A 9 -25.56 -9.76 -22.13
CA SER A 9 -24.68 -10.74 -21.52
C SER A 9 -24.26 -10.30 -20.13
N ALA A 11 -22.56 -8.74 -16.95
CA ALA A 11 -21.87 -7.50 -16.67
C ALA A 11 -20.71 -7.71 -15.70
N THR A 13 -18.51 -7.15 -12.34
CA THR A 13 -18.84 -6.79 -10.96
C THR A 13 -18.22 -5.42 -10.66
N GLN A 14 -19.04 -4.48 -10.20
CA GLN A 14 -18.54 -3.16 -9.83
C GLN A 14 -18.06 -3.23 -8.38
N VAL A 15 -16.82 -2.83 -8.16
CA VAL A 15 -16.19 -2.94 -6.85
C VAL A 15 -15.88 -1.53 -6.37
N THR A 16 -16.36 -1.19 -5.18
CA THR A 16 -16.04 0.10 -4.60
C THR A 16 -14.84 -0.03 -3.69
N ILE A 17 -13.88 0.86 -3.88
CA ILE A 17 -12.64 0.89 -3.09
C ILE A 17 -12.80 1.96 -2.04
N LEU A 18 -12.60 1.55 -0.78
CA LEU A 18 -12.86 2.34 0.42
C LEU A 18 -11.55 2.61 1.14
N LYS A 19 -11.43 3.83 1.66
CA LYS A 19 -10.32 4.21 2.50
C LYS A 19 -10.93 4.61 3.84
N LYS A 20 -10.63 3.84 4.88
CA LYS A 20 -11.30 4.02 6.17
C LYS A 20 -12.83 3.99 6.02
N GLY A 21 -13.33 3.05 5.20
CA GLY A 21 -14.75 2.87 5.01
C GLY A 21 -15.46 3.89 4.13
N GLU A 22 -14.73 4.84 3.54
CA GLU A 22 -15.34 5.85 2.67
C GLU A 22 -14.88 5.66 1.24
N ARG A 23 -15.81 5.82 0.30
CA ARG A 23 -15.50 5.55 -1.10
C ARG A 23 -14.42 6.49 -1.63
N ILE A 24 -13.39 5.92 -2.27
CA ILE A 24 -12.37 6.74 -2.92
C ILE A 24 -12.38 6.49 -4.41
N THR A 25 -12.70 5.27 -4.84
CA THR A 25 -12.83 5.08 -6.29
C THR A 25 -13.58 3.79 -6.54
N TRP A 26 -13.71 3.39 -7.80
CA TRP A 26 -14.34 2.09 -8.08
C TRP A 26 -13.65 1.46 -9.29
N VAL A 27 -13.78 0.14 -9.39
CA VAL A 27 -13.21 -0.62 -10.50
C VAL A 27 -14.23 -1.66 -10.93
N GLU A 28 -13.94 -2.33 -12.05
CA GLU A 28 -14.75 -3.46 -12.52
C GLU A 28 -13.89 -4.71 -12.67
N VAL A 29 -14.39 -5.83 -12.15
CA VAL A 29 -13.66 -7.11 -12.22
C VAL A 29 -14.69 -8.21 -12.48
N PRO A 30 -14.41 -9.17 -13.36
CA PRO A 30 -15.36 -10.27 -13.53
C PRO A 30 -15.39 -11.20 -12.34
N LYS A 31 -16.57 -11.75 -12.06
CA LYS A 31 -16.72 -12.77 -11.04
C LYS A 31 -15.73 -13.89 -11.24
N GLY A 32 -15.09 -14.32 -10.16
CA GLY A 32 -14.16 -15.43 -10.21
C GLY A 32 -12.79 -15.07 -10.71
N GLU A 33 -12.46 -13.78 -10.78
CA GLU A 33 -11.19 -13.39 -11.39
C GLU A 33 -10.53 -12.31 -10.54
N SER A 34 -9.28 -11.99 -10.89
CA SER A 34 -8.48 -10.97 -10.23
C SER A 34 -7.88 -10.05 -11.28
N ARG A 35 -7.79 -8.76 -10.95
CA ARG A 35 -7.20 -7.76 -11.83
C ARG A 35 -6.30 -6.85 -11.03
N GLU A 36 -5.25 -6.33 -11.69
CA GLU A 36 -4.33 -5.35 -11.10
C GLU A 36 -4.79 -3.92 -11.35
N PHE A 37 -4.66 -3.07 -10.36
CA PHE A 37 -4.93 -1.65 -10.49
C PHE A 37 -3.85 -0.85 -9.81
N ASN A 38 -3.52 0.30 -10.39
CA ASN A 38 -2.69 1.30 -9.75
C ASN A 38 -3.62 2.33 -9.10
N ILE A 39 -3.60 2.40 -7.79
CA ILE A 39 -4.43 3.37 -7.07
C ILE A 39 -3.48 4.33 -6.39
N ARG A 40 -3.54 5.60 -6.79
CA ARG A 40 -2.72 6.69 -6.24
C ARG A 40 -1.24 6.30 -6.17
N GLY A 41 -0.76 5.60 -7.20
CA GLY A 41 0.65 5.28 -7.28
C GLY A 41 1.09 3.96 -6.68
N LYS A 42 0.17 3.16 -6.16
CA LYS A 42 0.51 1.85 -5.63
C LYS A 42 -0.29 0.79 -6.36
N TYR A 43 0.30 -0.39 -6.53
CA TYR A 43 -0.41 -1.46 -7.20
C TYR A 43 -1.16 -2.35 -6.20
N PHE A 44 -2.35 -2.78 -6.61
CA PHE A 44 -3.25 -3.60 -5.83
C PHE A 44 -3.88 -4.67 -6.72
N THR A 45 -4.04 -5.86 -6.19
CA THR A 45 -4.85 -6.89 -6.84
C THR A 45 -6.25 -6.83 -6.25
N VAL A 46 -7.27 -6.70 -7.11
CA VAL A 46 -8.67 -6.78 -6.70
C VAL A 46 -9.24 -8.08 -7.25
N SER A 47 -9.83 -8.89 -6.38
CA SER A 47 -10.38 -10.18 -6.77
C SER A 47 -11.87 -10.19 -6.48
N VAL A 48 -12.67 -10.79 -7.35
CA VAL A 48 -14.09 -11.01 -7.10
C VAL A 48 -14.32 -12.52 -7.08
N SER A 49 -14.88 -13.01 -5.97
CA SER A 49 -15.12 -14.44 -5.89
CA SER A 49 -15.15 -14.43 -5.84
C SER A 49 -16.38 -14.83 -6.66
N ASP A 50 -16.60 -16.14 -6.77
CA ASP A 50 -17.79 -16.67 -7.44
C ASP A 50 -19.07 -15.99 -6.96
N ASP A 51 -19.16 -15.70 -5.66
CA ASP A 51 -20.37 -15.15 -5.09
C ASP A 51 -20.44 -13.64 -5.21
N GLY A 52 -19.49 -13.03 -5.93
CA GLY A 52 -19.50 -11.59 -6.14
C GLY A 52 -18.80 -10.79 -5.07
N THR A 53 -18.34 -11.44 -4.00
CA THR A 53 -17.63 -10.72 -2.93
C THR A 53 -16.24 -10.30 -3.40
N PRO A 54 -15.86 -9.04 -3.23
CA PRO A 54 -14.51 -8.62 -3.61
C PRO A 54 -13.54 -8.68 -2.43
N SER A 55 -12.27 -8.72 -2.79
CA SER A 55 -11.16 -8.59 -1.87
C SER A 55 -10.07 -7.75 -2.54
N ILE A 56 -9.17 -7.19 -1.73
CA ILE A 56 -8.09 -6.39 -2.27
C ILE A 56 -6.84 -6.71 -1.47
N SER A 57 -5.71 -6.71 -2.15
CA SER A 57 -4.41 -6.80 -1.51
C SER A 57 -4.10 -5.52 -0.75
N GLY A 58 -2.99 -5.57 0.02
CA GLY A 58 -2.56 -4.40 0.76
C GLY A 58 -3.39 -4.12 2.00
N SER A 59 -3.08 -3.00 2.64
CA SER A 59 -3.79 -2.60 3.85
C SER A 59 -4.37 -1.19 3.81
N LYS A 60 -4.08 -0.40 2.77
CA LYS A 60 -4.56 0.98 2.72
C LYS A 60 -6.06 1.05 2.50
N TYR A 61 -6.62 0.08 1.77
CA TYR A 61 -8.01 0.13 1.32
C TYR A 61 -8.73 -1.16 1.69
N THR A 62 -10.05 -1.08 1.73
CA THR A 62 -10.94 -2.24 1.69
C THR A 62 -11.82 -2.12 0.45
N VAL A 63 -12.64 -3.13 0.21
CA VAL A 63 -13.52 -3.11 -0.95
C VAL A 63 -14.91 -3.58 -0.54
N GLU A 64 -15.90 -3.10 -1.28
CA GLU A 64 -17.29 -3.54 -1.12
C GLU A 64 -17.91 -3.84 -2.47
N HIS B 4 -0.57 -13.50 -11.86
CA HIS B 4 -0.27 -14.94 -11.94
C HIS B 4 -1.52 -15.74 -11.61
N HIS B 5 -1.78 -16.79 -12.39
CA HIS B 5 -2.90 -17.67 -12.11
C HIS B 5 -2.78 -18.28 -10.71
N HIS B 6 -3.93 -18.47 -10.06
CA HIS B 6 -3.94 -19.15 -8.77
C HIS B 6 -4.13 -20.65 -8.95
N HIS B 7 -3.67 -21.38 -7.95
CA HIS B 7 -3.57 -22.84 -7.98
C HIS B 7 -3.89 -23.42 -6.62
N HIS B 8 -4.37 -24.67 -6.64
CA HIS B 8 -4.58 -25.40 -5.40
C HIS B 8 -3.31 -25.39 -4.56
N SER B 9 -2.17 -25.66 -5.18
CA SER B 9 -0.85 -25.69 -4.52
C SER B 9 -0.07 -24.49 -5.02
N ALA B 11 3.10 -21.85 -5.14
CA ALA B 11 4.55 -22.02 -5.00
C ALA B 11 4.99 -21.57 -3.62
N THR B 13 3.72 -19.53 0.27
CA THR B 13 2.69 -19.12 1.21
C THR B 13 3.23 -17.90 1.94
N GLN B 14 2.41 -16.84 1.97
CA GLN B 14 2.78 -15.60 2.66
C GLN B 14 2.69 -15.79 4.16
N VAL B 15 3.68 -15.28 4.89
CA VAL B 15 3.68 -15.31 6.35
C VAL B 15 3.98 -13.90 6.82
N THR B 16 3.09 -13.34 7.64
CA THR B 16 3.30 -12.01 8.24
C THR B 16 4.02 -12.19 9.57
N ILE B 17 5.03 -11.36 9.80
CA ILE B 17 5.83 -11.42 11.02
C ILE B 17 5.45 -10.21 11.86
N LEU B 18 4.97 -10.49 13.07
CA LEU B 18 4.44 -9.47 13.99
C LEU B 18 5.35 -9.30 15.20
N LYS B 19 5.47 -8.07 15.66
CA LYS B 19 6.14 -7.77 16.92
C LYS B 19 5.11 -7.11 17.82
N LYS B 20 4.78 -7.81 18.92
CA LYS B 20 3.71 -7.36 19.84
C LYS B 20 2.42 -7.06 19.09
N GLY B 21 2.09 -7.91 18.11
CA GLY B 21 0.86 -7.75 17.35
C GLY B 21 0.92 -6.80 16.16
N GLU B 22 2.02 -6.06 15.97
CA GLU B 22 2.15 -5.11 14.87
C GLU B 22 3.04 -5.71 13.80
N ARG B 23 2.54 -5.76 12.57
CA ARG B 23 3.33 -6.26 11.45
C ARG B 23 4.66 -5.52 11.34
N ILE B 24 5.75 -6.29 11.34
CA ILE B 24 7.08 -5.74 11.09
C ILE B 24 7.59 -6.12 9.71
N THR B 25 7.20 -7.28 9.20
CA THR B 25 7.56 -7.57 7.81
C THR B 25 6.74 -8.77 7.35
N TRP B 26 7.05 -9.26 6.15
CA TRP B 26 6.45 -10.50 5.70
C TRP B 26 7.45 -11.26 4.86
N VAL B 27 7.27 -12.58 4.82
CA VAL B 27 8.15 -13.46 4.07
C VAL B 27 7.28 -14.45 3.31
N GLU B 28 7.91 -15.20 2.41
CA GLU B 28 7.27 -16.30 1.69
C GLU B 28 8.02 -17.59 1.94
N VAL B 29 7.25 -18.66 2.18
CA VAL B 29 7.81 -19.97 2.51
C VAL B 29 6.89 -20.98 1.84
N PRO B 30 7.39 -22.01 1.16
CA PRO B 30 6.48 -22.99 0.56
C PRO B 30 5.85 -23.85 1.64
N LYS B 31 4.61 -24.27 1.41
CA LYS B 31 3.99 -25.17 2.36
C LYS B 31 4.81 -26.43 2.52
N GLY B 32 4.96 -26.88 3.77
CA GLY B 32 5.76 -28.06 4.06
C GLY B 32 7.23 -27.77 4.22
N GLU B 33 7.63 -26.50 4.33
CA GLU B 33 9.05 -26.19 4.32
C GLU B 33 9.38 -25.19 5.43
N SER B 34 10.69 -25.05 5.68
CA SER B 34 11.22 -24.03 6.58
C SER B 34 12.25 -23.19 5.83
N ARG B 35 12.36 -21.91 6.19
CA ARG B 35 13.35 -21.04 5.63
C ARG B 35 13.86 -20.14 6.75
N GLU B 36 15.14 -19.79 6.69
CA GLU B 36 15.76 -18.90 7.67
C GLU B 36 15.81 -17.49 7.13
N PHE B 37 15.50 -16.52 7.99
CA PHE B 37 15.52 -15.11 7.64
C PHE B 37 16.30 -14.35 8.69
N ASN B 38 16.97 -13.28 8.24
CA ASN B 38 17.67 -12.36 9.12
C ASN B 38 16.73 -11.19 9.38
N ILE B 39 16.16 -11.10 10.58
CA ILE B 39 15.17 -10.08 10.92
C ILE B 39 15.86 -9.11 11.88
N ARG B 40 16.05 -7.88 11.42
CA ARG B 40 16.76 -6.84 12.17
C ARG B 40 18.01 -7.38 12.87
N GLY B 41 18.77 -8.23 12.18
CA GLY B 41 20.07 -8.63 12.66
C GLY B 41 20.12 -9.93 13.43
N LYS B 42 18.98 -10.61 13.60
CA LYS B 42 18.92 -11.89 14.30
C LYS B 42 18.21 -12.90 13.43
N TYR B 43 18.65 -14.16 13.48
CA TYR B 43 18.15 -15.20 12.60
C TYR B 43 16.93 -15.91 13.19
N PHE B 44 15.94 -16.13 12.33
CA PHE B 44 14.70 -16.80 12.73
C PHE B 44 14.34 -17.81 11.66
N THR B 45 13.81 -18.95 12.07
CA THR B 45 13.36 -19.99 11.16
C THR B 45 11.85 -19.93 11.09
N VAL B 46 11.32 -19.70 9.89
CA VAL B 46 9.89 -19.62 9.64
C VAL B 46 9.50 -20.90 8.92
N SER B 47 8.49 -21.59 9.43
CA SER B 47 8.02 -22.83 8.87
C SER B 47 6.57 -22.69 8.45
N VAL B 48 6.20 -23.38 7.37
CA VAL B 48 4.81 -23.52 6.99
C VAL B 48 4.55 -25.01 6.87
N SER B 49 3.59 -25.50 7.64
CA SER B 49 3.18 -26.90 7.63
C SER B 49 2.36 -27.19 6.38
N ASP B 50 2.08 -28.47 6.15
CA ASP B 50 1.33 -28.85 4.96
C ASP B 50 -0.04 -28.18 4.93
N ASP B 51 -0.72 -28.12 6.07
CA ASP B 51 -2.05 -27.52 6.09
C ASP B 51 -2.03 -26.00 6.08
N GLY B 52 -0.86 -25.39 5.91
CA GLY B 52 -0.75 -23.95 5.81
C GLY B 52 -0.42 -23.23 7.11
N THR B 53 -0.17 -23.94 8.21
CA THR B 53 0.00 -23.26 9.48
C THR B 53 1.42 -22.68 9.60
N PRO B 54 1.57 -21.38 9.82
CA PRO B 54 2.90 -20.83 10.01
C PRO B 54 3.37 -20.92 11.45
N SER B 55 4.68 -21.06 11.60
CA SER B 55 5.34 -20.95 12.90
C SER B 55 6.69 -20.27 12.69
N ILE B 56 7.26 -19.82 13.81
CA ILE B 56 8.55 -19.14 13.83
C ILE B 56 9.29 -19.58 15.08
N SER B 57 10.61 -19.64 14.98
CA SER B 57 11.44 -19.89 16.14
C SER B 57 11.38 -18.70 17.09
N GLY B 58 11.53 -18.97 18.38
CA GLY B 58 11.55 -17.94 19.38
C GLY B 58 10.19 -17.35 19.71
N SER B 59 10.20 -16.38 20.62
CA SER B 59 8.99 -15.69 21.03
C SER B 59 8.96 -14.20 20.73
N LYS B 60 10.09 -13.58 20.38
CA LYS B 60 10.11 -12.14 20.12
C LYS B 60 9.04 -11.75 19.11
N TYR B 61 8.92 -12.53 18.03
CA TYR B 61 7.92 -12.32 17.00
C TYR B 61 6.91 -13.45 17.01
N THR B 62 5.72 -13.16 16.50
CA THR B 62 4.73 -14.19 16.19
C THR B 62 4.48 -14.15 14.70
N VAL B 63 3.77 -15.15 14.18
CA VAL B 63 3.48 -15.15 12.76
C VAL B 63 1.99 -15.33 12.52
N GLU B 64 1.55 -14.87 11.36
CA GLU B 64 0.16 -14.69 10.97
C GLU B 64 -0.93 -14.97 11.97
N HIS C 4 1.50 9.21 29.37
CA HIS C 4 1.32 10.65 29.22
C HIS C 4 1.56 11.05 27.77
N HIS C 5 0.67 11.89 27.25
CA HIS C 5 0.66 12.26 25.84
C HIS C 5 1.58 13.44 25.61
N HIS C 6 2.69 13.22 24.90
CA HIS C 6 3.78 14.18 24.83
C HIS C 6 3.93 14.80 23.46
N HIS C 7 4.29 16.10 23.44
CA HIS C 7 4.73 16.77 22.23
C HIS C 7 6.21 16.51 22.03
N HIS C 8 6.59 16.32 20.76
CA HIS C 8 8.00 16.17 20.37
C HIS C 8 8.41 17.42 19.62
N SER C 9 9.57 17.98 19.97
CA SER C 9 10.03 19.20 19.30
C SER C 9 10.18 18.95 17.80
N ALA C 11 8.98 15.97 15.25
CA ALA C 11 8.03 14.87 15.33
C ALA C 11 8.69 13.56 14.92
N THR C 13 8.54 10.40 12.85
CA THR C 13 7.85 10.03 11.62
C THR C 13 7.93 8.53 11.40
N GLN C 14 6.84 7.97 10.88
CA GLN C 14 6.84 6.57 10.48
C GLN C 14 7.17 6.52 9.00
N VAL C 15 8.22 5.78 8.66
CA VAL C 15 8.73 5.69 7.29
C VAL C 15 8.48 4.28 6.79
N THR C 16 7.84 4.16 5.63
CA THR C 16 7.61 2.86 5.00
C THR C 16 8.78 2.52 4.07
N ILE C 17 9.32 1.30 4.20
CA ILE C 17 10.39 0.81 3.33
C ILE C 17 9.76 -0.05 2.25
N LEU C 18 10.06 0.28 0.99
CA LEU C 18 9.41 -0.33 -0.17
C LEU C 18 10.44 -1.05 -1.02
N LYS C 19 10.07 -2.23 -1.50
CA LYS C 19 10.88 -3.00 -2.43
C LYS C 19 10.15 -3.05 -3.76
N LYS C 20 10.65 -2.29 -4.73
CA LYS C 20 9.98 -2.16 -6.02
C LYS C 20 8.52 -1.80 -5.83
N GLY C 21 8.26 -0.86 -4.92
CA GLY C 21 6.91 -0.38 -4.70
C GLY C 21 6.12 -1.11 -3.65
N GLU C 22 6.61 -2.25 -3.15
CA GLU C 22 5.87 -3.11 -2.24
C GLU C 22 6.45 -2.96 -0.83
N ARG C 23 5.61 -2.54 0.12
CA ARG C 23 6.04 -2.42 1.51
C ARG C 23 6.68 -3.71 2.01
N ILE C 24 7.84 -3.57 2.67
CA ILE C 24 8.56 -4.71 3.22
C ILE C 24 8.75 -4.53 4.73
N THR C 25 8.82 -3.30 5.21
CA THR C 25 8.88 -3.06 6.66
C THR C 25 8.63 -1.57 6.88
N TRP C 26 8.73 -1.16 8.14
CA TRP C 26 8.54 0.24 8.48
C TRP C 26 9.43 0.56 9.67
N VAL C 27 9.88 1.82 9.74
CA VAL C 27 10.81 2.25 10.77
C VAL C 27 10.36 3.62 11.27
N GLU C 28 11.00 4.08 12.36
CA GLU C 28 10.71 5.38 12.92
C GLU C 28 11.97 6.24 12.98
N VAL C 29 11.88 7.45 12.39
CA VAL C 29 12.99 8.40 12.41
C VAL C 29 12.45 9.79 12.75
N PRO C 30 13.08 10.51 13.67
CA PRO C 30 12.65 11.88 13.95
C PRO C 30 12.90 12.80 12.76
N LYS C 31 12.01 13.78 12.58
CA LYS C 31 12.24 14.79 11.55
C LYS C 31 13.57 15.49 11.81
N GLY C 32 14.35 15.67 10.74
CA GLY C 32 15.64 16.29 10.85
C GLY C 32 16.78 15.39 11.24
N GLU C 33 16.54 14.07 11.38
CA GLU C 33 17.58 13.18 11.87
C GLU C 33 17.69 11.96 10.94
N SER C 34 18.65 11.09 11.24
CA SER C 34 18.88 9.85 10.52
C SER C 34 19.02 8.70 11.51
N ARG C 35 18.66 7.50 11.05
CA ARG C 35 18.84 6.28 11.82
C ARG C 35 19.29 5.18 10.89
N GLU C 36 20.02 4.21 11.43
CA GLU C 36 20.48 3.05 10.67
C GLU C 36 19.70 1.80 11.09
N PHE C 37 19.34 0.97 10.10
CA PHE C 37 18.57 -0.24 10.32
C PHE C 37 19.22 -1.39 9.58
N ASN C 38 19.11 -2.57 10.17
CA ASN C 38 19.61 -3.80 9.56
C ASN C 38 18.39 -4.50 8.96
N ILE C 39 18.21 -4.39 7.64
CA ILE C 39 17.08 -4.99 6.95
C ILE C 39 17.58 -6.20 6.19
N ARG C 40 17.12 -7.39 6.60
CA ARG C 40 17.54 -8.66 6.02
C ARG C 40 19.05 -8.78 5.89
N GLY C 41 19.78 -8.31 6.89
CA GLY C 41 21.22 -8.45 6.90
C GLY C 41 22.01 -7.41 6.14
N LYS C 42 21.35 -6.40 5.59
CA LYS C 42 22.04 -5.28 4.95
C LYS C 42 21.70 -4.01 5.71
N TYR C 43 22.67 -3.11 5.87
CA TYR C 43 22.39 -1.88 6.59
C TYR C 43 21.89 -0.80 5.66
N PHE C 44 20.98 0.02 6.19
CA PHE C 44 20.41 1.14 5.46
C PHE C 44 20.28 2.31 6.40
N THR C 45 20.66 3.49 5.93
CA THR C 45 20.43 4.72 6.64
C THR C 45 19.16 5.36 6.11
N VAL C 46 18.25 5.72 7.02
CA VAL C 46 17.01 6.40 6.68
C VAL C 46 17.11 7.79 7.29
N SER C 47 17.06 8.81 6.44
CA SER C 47 17.14 10.21 6.87
C SER C 47 15.80 10.86 6.61
N VAL C 48 15.33 11.69 7.54
CA VAL C 48 14.11 12.44 7.36
C VAL C 48 14.45 13.92 7.47
N SER C 49 14.18 14.68 6.42
CA SER C 49 14.43 16.10 6.44
C SER C 49 13.54 16.79 7.49
N ASP C 50 13.79 18.08 7.70
CA ASP C 50 12.96 18.79 8.68
C ASP C 50 11.51 18.89 8.26
N ASP C 51 11.23 18.90 6.96
CA ASP C 51 9.84 18.96 6.52
C ASP C 51 9.18 17.59 6.42
N GLY C 52 9.90 16.54 6.79
CA GLY C 52 9.34 15.20 6.87
C GLY C 52 9.59 14.31 5.68
N THR C 53 10.40 14.75 4.71
CA THR C 53 10.64 13.96 3.52
C THR C 53 11.70 12.90 3.80
N PRO C 54 11.41 11.62 3.59
CA PRO C 54 12.40 10.59 3.88
C PRO C 54 13.26 10.27 2.67
N SER C 55 14.47 9.80 2.95
CA SER C 55 15.35 9.25 1.93
C SER C 55 16.10 8.07 2.54
N ILE C 56 16.67 7.22 1.68
CA ILE C 56 17.35 6.03 2.16
C ILE C 56 18.63 5.82 1.35
N SER C 57 19.65 5.30 2.01
CA SER C 57 20.86 4.88 1.33
C SER C 57 20.58 3.64 0.47
N GLY C 58 21.53 3.32 -0.37
CA GLY C 58 21.46 2.07 -1.12
C GLY C 58 20.64 2.19 -2.38
N SER C 59 20.40 1.03 -2.98
CA SER C 59 19.62 0.97 -4.21
C SER C 59 18.48 -0.03 -4.14
N LYS C 60 18.44 -0.84 -3.09
CA LYS C 60 17.48 -1.93 -3.03
C LYS C 60 16.06 -1.42 -2.77
N TYR C 61 15.92 -0.43 -1.90
CA TYR C 61 14.62 0.02 -1.42
C TYR C 61 14.41 1.50 -1.73
N THR C 62 13.16 1.90 -1.71
CA THR C 62 12.77 3.31 -1.64
C THR C 62 12.02 3.51 -0.33
N VAL C 63 11.75 4.78 0.01
CA VAL C 63 11.09 5.08 1.26
C VAL C 63 9.88 5.99 1.05
N GLU C 64 8.96 5.89 2.01
CA GLU C 64 7.65 6.47 2.13
C GLU C 64 7.26 7.40 1.02
N THR D 13 -11.46 22.76 -1.13
CA THR D 13 -12.51 22.51 -2.10
C THR D 13 -12.40 21.07 -2.58
N GLN D 14 -13.52 20.35 -2.61
CA GLN D 14 -13.52 19.00 -3.13
C GLN D 14 -13.68 19.05 -4.64
N VAL D 15 -12.81 18.32 -5.36
CA VAL D 15 -12.84 18.25 -6.80
C VAL D 15 -13.15 16.82 -7.22
N THR D 16 -14.19 16.65 -8.04
CA THR D 16 -14.55 15.36 -8.60
C THR D 16 -13.82 15.15 -9.92
N ILE D 17 -13.15 14.01 -10.06
CA ILE D 17 -12.46 13.66 -11.29
C ILE D 17 -13.33 12.67 -12.05
N LEU D 18 -13.60 13.01 -13.31
CA LEU D 18 -14.52 12.29 -14.18
C LEU D 18 -13.73 11.63 -15.28
N LYS D 19 -14.14 10.42 -15.65
CA LYS D 19 -13.63 9.74 -16.83
C LYS D 19 -14.83 9.43 -17.71
N LYS D 20 -14.85 10.00 -18.92
CA LYS D 20 -15.98 9.79 -19.83
C LYS D 20 -17.30 10.21 -19.18
N GLY D 21 -17.25 11.29 -18.41
CA GLY D 21 -18.44 11.85 -17.79
C GLY D 21 -18.92 11.15 -16.54
N GLU D 22 -18.22 10.10 -16.10
CA GLU D 22 -18.57 9.36 -14.90
C GLU D 22 -17.52 9.59 -13.81
N ARG D 23 -17.97 9.81 -12.58
CA ARG D 23 -17.04 10.03 -11.49
C ARG D 23 -16.10 8.84 -11.36
N ILE D 24 -14.79 9.11 -11.27
CA ILE D 24 -13.82 8.08 -10.99
C ILE D 24 -13.16 8.26 -9.63
N THR D 25 -12.95 9.50 -9.19
CA THR D 25 -12.41 9.68 -7.85
C THR D 25 -12.64 11.13 -7.46
N TRP D 26 -12.15 11.50 -6.28
CA TRP D 26 -12.25 12.89 -5.86
C TRP D 26 -11.02 13.22 -5.01
N VAL D 27 -10.68 14.50 -4.95
CA VAL D 27 -9.54 15.00 -4.20
C VAL D 27 -9.96 16.31 -3.54
N GLU D 28 -9.07 16.86 -2.70
CA GLU D 28 -9.33 18.16 -2.09
C GLU D 28 -8.14 19.06 -2.34
N VAL D 29 -8.42 20.30 -2.73
CA VAL D 29 -7.39 21.32 -3.00
C VAL D 29 -7.86 22.66 -2.43
N PRO D 30 -6.99 23.43 -1.75
CA PRO D 30 -7.42 24.75 -1.27
C PRO D 30 -7.74 25.69 -2.44
N LYS D 31 -8.79 26.48 -2.27
CA LYS D 31 -9.10 27.53 -3.24
C LYS D 31 -7.87 28.35 -3.60
N GLY D 32 -7.67 28.58 -4.90
CA GLY D 32 -6.54 29.34 -5.37
C GLY D 32 -5.23 28.60 -5.37
N GLU D 33 -5.26 27.26 -5.32
CA GLU D 33 -4.01 26.51 -5.30
C GLU D 33 -4.09 25.35 -6.26
N SER D 34 -2.92 24.75 -6.52
CA SER D 34 -2.77 23.53 -7.31
C SER D 34 -2.16 22.43 -6.45
N ARG D 35 -2.55 21.19 -6.73
CA ARG D 35 -1.91 20.02 -6.14
C ARG D 35 -1.69 18.96 -7.21
N GLU D 36 -0.61 18.22 -7.06
CA GLU D 36 -0.32 17.13 -7.97
C GLU D 36 -0.83 15.84 -7.35
N PHE D 37 -1.57 15.06 -8.14
CA PHE D 37 -2.06 13.76 -7.70
C PHE D 37 -1.68 12.68 -8.70
N ASN D 38 -1.39 11.50 -8.19
CA ASN D 38 -1.20 10.32 -9.03
C ASN D 38 -2.56 9.65 -9.16
N ILE D 39 -3.15 9.70 -10.35
CA ILE D 39 -4.41 9.03 -10.64
C ILE D 39 -4.12 7.89 -11.58
N ARG D 40 -4.38 6.67 -11.10
CA ARG D 40 -4.17 5.43 -11.84
C ARG D 40 -2.80 5.40 -12.51
N GLY D 41 -1.79 5.89 -11.80
CA GLY D 41 -0.41 5.77 -12.26
C GLY D 41 0.10 6.89 -13.13
N LYS D 42 -0.69 7.93 -13.38
CA LYS D 42 -0.19 9.10 -14.07
C LYS D 42 -0.43 10.32 -13.22
N TYR D 43 0.46 11.31 -13.32
CA TYR D 43 0.36 12.53 -12.52
C TYR D 43 -0.44 13.61 -13.22
N PHE D 44 -1.30 14.27 -12.44
CA PHE D 44 -2.18 15.33 -12.91
C PHE D 44 -2.11 16.49 -11.93
N THR D 45 -2.11 17.71 -12.47
CA THR D 45 -2.27 18.90 -11.64
C THR D 45 -3.76 19.23 -11.56
N VAL D 46 -4.29 19.20 -10.34
CA VAL D 46 -5.66 19.59 -10.08
C VAL D 46 -5.61 20.91 -9.35
N SER D 47 -6.31 21.90 -9.88
CA SER D 47 -6.25 23.23 -9.31
C SER D 47 -7.65 23.75 -9.05
N VAL D 48 -7.76 24.62 -8.07
CA VAL D 48 -9.00 25.33 -7.80
C VAL D 48 -8.66 26.80 -7.81
N SER D 49 -9.40 27.54 -8.62
CA SER D 49 -9.11 28.96 -8.70
C SER D 49 -9.82 29.72 -7.59
N ASP D 50 -9.47 30.99 -7.43
CA ASP D 50 -10.11 31.78 -6.40
C ASP D 50 -11.61 31.81 -6.58
N ASP D 51 -12.07 31.76 -7.84
CA ASP D 51 -13.47 31.85 -8.20
C ASP D 51 -14.20 30.52 -8.08
N GLY D 52 -13.61 29.53 -7.41
CA GLY D 52 -14.22 28.23 -7.18
C GLY D 52 -13.99 27.21 -8.27
N THR D 53 -13.51 27.61 -9.43
CA THR D 53 -13.56 26.74 -10.59
C THR D 53 -12.44 25.71 -10.54
N PRO D 54 -12.75 24.41 -10.68
CA PRO D 54 -11.71 23.39 -10.75
C PRO D 54 -11.15 23.22 -12.15
N SER D 55 -9.90 22.76 -12.21
CA SER D 55 -9.29 22.39 -13.48
C SER D 55 -8.34 21.22 -13.29
N ILE D 56 -8.02 20.55 -14.39
CA ILE D 56 -7.10 19.43 -14.34
C ILE D 56 -6.25 19.45 -15.61
N SER D 57 -4.96 19.18 -15.45
CA SER D 57 -4.06 19.08 -16.60
C SER D 57 -4.38 17.82 -17.40
N GLY D 58 -3.84 17.76 -18.60
CA GLY D 58 -3.96 16.54 -19.38
C GLY D 58 -5.31 16.38 -20.06
N SER D 59 -5.49 15.22 -20.67
CA SER D 59 -6.71 14.98 -21.43
C SER D 59 -7.43 13.71 -21.03
N LYS D 60 -6.88 12.93 -20.10
CA LYS D 60 -7.52 11.66 -19.78
C LYS D 60 -8.80 11.86 -18.98
N TYR D 61 -8.87 12.93 -18.18
CA TYR D 61 -9.95 13.15 -17.24
C TYR D 61 -10.49 14.57 -17.41
N THR D 62 -11.67 14.81 -16.85
CA THR D 62 -12.17 16.17 -16.63
C THR D 62 -12.49 16.32 -15.14
N VAL D 63 -12.86 17.53 -14.75
CA VAL D 63 -13.19 17.79 -13.35
C VAL D 63 -14.51 18.54 -13.26
N GLU D 64 -15.10 18.44 -12.07
CA GLU D 64 -16.45 18.93 -11.71
C GLU D 64 -17.23 19.68 -12.78
#